data_5MNP
#
_entry.id   5MNP
#
_cell.length_a   54.921
_cell.length_b   58.623
_cell.length_c   67.731
_cell.angle_alpha   90.00
_cell.angle_beta   90.00
_cell.angle_gamma   90.00
#
_symmetry.space_group_name_H-M   'P 21 21 21'
#
loop_
_entity.id
_entity.type
_entity.pdbx_description
1 polymer 'Cationic trypsin'
2 non-polymer 'CALCIUM ION'
3 non-polymer 'SULFATE ION'
4 non-polymer piperidine-1-carboximidamide
5 water water
#
_entity_poly.entity_id   1
_entity_poly.type   'polypeptide(L)'
_entity_poly.pdbx_seq_one_letter_code
;IVGGYTCGANTVPYQVSLNSGYHFCGGSLINSQWVVSAAHCYKSGIQVRLGEDNINVVEGNEQFISASKSIVHPSYNSNT
LNNDIMLIKLKSAASLNSRVASISLPTSCASAGTQCLISGWGNTKSSGTSYPDVLKCLKAPILSDSSCKSAYPGQITSNM
FCAGYLEGGKDSCQGDSGGPVVCSGKLQGIVSWGSGCAQKNKPGVYTKVCNYVSWIKQTIASN
;
_entity_poly.pdbx_strand_id   A
#
loop_
_chem_comp.id
_chem_comp.type
_chem_comp.name
_chem_comp.formula
CA non-polymer 'CALCIUM ION' 'Ca 2'
MRZ non-polymer piperidine-1-carboximidamide 'C6 H13 N3'
SO4 non-polymer 'SULFATE ION' 'O4 S -2'
#
# COMPACT_ATOMS: atom_id res chain seq x y z
N ILE A 1 0.77 1.03 11.48
CA ILE A 1 2.26 0.97 11.53
C ILE A 1 2.67 0.83 12.98
N VAL A 2 3.45 -0.21 13.27
CA VAL A 2 4.01 -0.46 14.60
C VAL A 2 5.45 0.00 14.61
N GLY A 3 5.83 0.81 15.60
CA GLY A 3 7.22 1.19 15.72
C GLY A 3 7.67 2.27 14.78
N GLY A 4 6.73 3.05 14.21
CA GLY A 4 7.05 4.12 13.29
C GLY A 4 7.03 5.47 13.96
N TYR A 5 6.91 6.51 13.13
CA TYR A 5 6.96 7.89 13.57
C TYR A 5 5.82 8.64 12.87
N THR A 6 5.43 9.76 13.45
CA THR A 6 4.42 10.60 12.83
C THR A 6 5.02 11.28 11.61
N CYS A 7 4.43 11.07 10.43
CA CYS A 7 5.03 11.55 9.18
C CYS A 7 5.14 13.05 9.17
N GLY A 8 4.08 13.74 9.61
CA GLY A 8 3.89 15.15 9.38
C GLY A 8 2.86 15.37 8.29
N ALA A 9 2.04 16.40 8.45
CA ALA A 9 0.91 16.59 7.54
C ALA A 9 1.36 16.79 6.10
N ASN A 10 0.81 15.97 5.21
CA ASN A 10 0.99 16.08 3.77
C ASN A 10 2.43 15.88 3.32
N THR A 11 3.24 15.20 4.11
CA THR A 11 4.60 14.89 3.72
C THR A 11 4.70 13.63 2.85
N VAL A 12 3.60 12.91 2.70
CA VAL A 12 3.50 11.69 1.89
C VAL A 12 2.36 11.94 0.91
N PRO A 13 2.59 12.74 -0.14
CA PRO A 13 1.45 13.38 -0.83
C PRO A 13 0.66 12.45 -1.73
N TYR A 14 1.20 11.28 -2.01
CA TYR A 14 0.59 10.24 -2.81
C TYR A 14 -0.25 9.26 -1.99
N GLN A 15 -0.22 9.36 -0.66
CA GLN A 15 -0.98 8.45 0.19
C GLN A 15 -2.46 8.78 0.14
N VAL A 16 -3.30 7.78 -0.10
N VAL A 16 -3.27 7.74 -0.01
CA VAL A 16 -4.74 8.00 -0.01
CA VAL A 16 -4.73 7.78 -0.09
C VAL A 16 -5.33 7.07 1.04
C VAL A 16 -5.29 7.06 1.12
N SER A 17 -6.48 7.48 1.56
CA SER A 17 -7.34 6.68 2.43
C SER A 17 -8.55 6.25 1.62
N LEU A 18 -8.86 4.97 1.67
CA LEU A 18 -10.09 4.44 1.08
C LEU A 18 -11.15 4.40 2.17
N ASN A 19 -12.30 5.02 1.90
CA ASN A 19 -13.34 5.24 2.88
C ASN A 19 -14.66 4.66 2.40
N SER A 20 -15.30 3.87 3.25
CA SER A 20 -16.64 3.35 2.99
C SER A 20 -17.55 3.66 4.17
N GLY A 21 -17.48 4.89 4.66
CA GLY A 21 -18.07 5.30 5.92
C GLY A 21 -17.08 5.44 7.03
N TYR A 22 -15.86 4.96 6.79
CA TYR A 22 -14.76 4.82 7.74
C TYR A 22 -13.55 4.46 6.88
N HIS A 23 -12.35 4.75 7.40
CA HIS A 23 -11.12 4.32 6.73
C HIS A 23 -11.02 2.80 6.82
N PHE A 24 -10.71 2.15 5.70
CA PHE A 24 -10.49 0.70 5.76
C PHE A 24 -9.24 0.22 5.07
N CYS A 25 -8.58 1.01 4.23
CA CYS A 25 -7.37 0.59 3.54
C CYS A 25 -6.67 1.84 3.03
N GLY A 26 -5.37 1.71 2.78
CA GLY A 26 -4.63 2.71 2.07
C GLY A 26 -4.61 2.46 0.58
N GLY A 27 -3.92 3.38 -0.12
CA GLY A 27 -3.68 3.29 -1.55
C GLY A 27 -2.69 4.36 -1.93
N SER A 28 -2.33 4.37 -3.21
CA SER A 28 -1.37 5.31 -3.75
C SER A 28 -1.93 5.94 -5.03
N LEU A 29 -1.79 7.25 -5.14
CA LEU A 29 -2.19 7.98 -6.33
C LEU A 29 -1.09 7.85 -7.38
N ILE A 30 -1.40 7.30 -8.54
CA ILE A 30 -0.40 7.10 -9.59
C ILE A 30 -0.55 8.04 -10.77
N ASN A 31 -1.70 8.69 -10.92
N ASN A 31 -1.68 8.72 -10.89
CA ASN A 31 -1.86 9.83 -11.82
CA ASN A 31 -1.89 9.83 -11.82
C ASN A 31 -3.07 10.59 -11.31
C ASN A 31 -3.18 10.49 -11.38
N SER A 32 -3.56 11.58 -12.06
CA SER A 32 -4.65 12.38 -11.52
C SER A 32 -5.97 11.64 -11.40
N GLN A 33 -6.12 10.47 -12.05
CA GLN A 33 -7.41 9.80 -12.03
C GLN A 33 -7.36 8.35 -11.55
N TRP A 34 -6.22 7.83 -11.14
CA TRP A 34 -6.09 6.42 -10.81
C TRP A 34 -5.31 6.22 -9.52
N VAL A 35 -5.79 5.26 -8.74
CA VAL A 35 -5.21 4.80 -7.48
C VAL A 35 -4.89 3.31 -7.59
N VAL A 36 -3.74 2.93 -7.01
N VAL A 36 -3.80 2.91 -6.99
CA VAL A 36 -3.35 1.53 -6.80
CA VAL A 36 -3.48 1.51 -6.86
C VAL A 36 -3.62 1.17 -5.34
C VAL A 36 -3.53 1.12 -5.39
N SER A 37 -4.13 -0.04 -5.13
CA SER A 37 -4.30 -0.57 -3.77
C SER A 37 -4.16 -2.08 -3.85
N ALA A 38 -4.48 -2.76 -2.75
CA ALA A 38 -4.47 -4.22 -2.67
C ALA A 38 -5.82 -4.76 -3.10
N ALA A 39 -5.81 -5.88 -3.85
CA ALA A 39 -7.07 -6.57 -4.19
C ALA A 39 -7.85 -7.00 -2.96
N HIS A 40 -7.18 -7.34 -1.86
CA HIS A 40 -7.92 -7.78 -0.68
C HIS A 40 -8.67 -6.63 -0.01
N CYS A 41 -8.43 -5.39 -0.45
CA CYS A 41 -9.20 -4.23 -0.02
C CYS A 41 -10.45 -3.99 -0.85
N TYR A 42 -10.75 -4.83 -1.85
N TYR A 42 -10.78 -4.88 -1.78
CA TYR A 42 -11.91 -4.57 -2.71
CA TYR A 42 -11.91 -4.63 -2.66
C TYR A 42 -13.21 -4.52 -1.90
C TYR A 42 -13.22 -4.47 -1.88
N LYS A 43 -14.02 -3.53 -2.23
N LYS A 43 -13.95 -3.41 -2.20
CA LYS A 43 -15.43 -3.55 -1.88
CA LYS A 43 -15.31 -3.17 -1.72
C LYS A 43 -16.11 -2.55 -2.78
C LYS A 43 -16.10 -2.53 -2.85
N SER A 44 -17.42 -2.61 -2.80
CA SER A 44 -18.22 -1.64 -3.55
C SER A 44 -18.40 -0.36 -2.71
N GLY A 45 -18.57 0.77 -3.37
CA GLY A 45 -18.89 1.96 -2.60
C GLY A 45 -17.69 2.66 -1.96
N ILE A 46 -16.63 2.83 -2.73
CA ILE A 46 -15.40 3.43 -2.23
C ILE A 46 -15.40 4.93 -2.52
N GLN A 47 -15.09 5.74 -1.50
CA GLN A 47 -14.69 7.12 -1.67
C GLN A 47 -13.20 7.23 -1.40
N VAL A 48 -12.47 7.82 -2.33
CA VAL A 48 -11.04 8.03 -2.17
C VAL A 48 -10.82 9.38 -1.51
N ARG A 49 -10.01 9.41 -0.45
CA ARG A 49 -9.71 10.63 0.27
C ARG A 49 -8.23 10.95 0.13
N LEU A 50 -7.96 12.07 -0.54
N LEU A 50 -7.98 12.06 -0.55
CA LEU A 50 -6.63 12.56 -0.84
CA LEU A 50 -6.65 12.59 -0.86
C LEU A 50 -6.33 13.78 0.02
C LEU A 50 -6.34 13.73 0.09
N GLY A 51 -5.05 14.03 0.26
CA GLY A 51 -4.67 15.19 1.05
C GLY A 51 -4.92 15.08 2.52
N GLU A 52 -5.07 13.86 3.03
CA GLU A 52 -5.39 13.64 4.44
C GLU A 52 -4.15 13.62 5.30
N ASP A 53 -4.30 14.15 6.52
CA ASP A 53 -3.43 13.85 7.63
C ASP A 53 -4.28 13.23 8.74
N ASN A 54 -5.00 14.05 9.52
CA ASN A 54 -5.94 13.52 10.48
C ASN A 54 -7.20 13.10 9.75
N ILE A 55 -7.52 11.81 9.75
CA ILE A 55 -8.67 11.29 9.01
CA ILE A 55 -8.68 11.30 9.00
C ILE A 55 -10.01 11.56 9.70
N ASN A 56 -9.99 12.13 10.92
CA ASN A 56 -11.20 12.46 11.66
C ASN A 56 -11.48 13.95 11.74
N VAL A 57 -10.65 14.81 11.15
CA VAL A 57 -10.78 16.25 11.22
C VAL A 57 -10.59 16.82 9.83
N VAL A 58 -11.45 17.73 9.39
CA VAL A 58 -11.23 18.42 8.12
C VAL A 58 -10.23 19.54 8.39
N GLU A 59 -9.05 19.42 7.77
CA GLU A 59 -7.94 20.33 8.00
C GLU A 59 -7.71 21.31 6.87
N GLY A 60 -8.25 21.05 5.69
CA GLY A 60 -8.25 22.04 4.61
C GLY A 60 -7.58 21.64 3.33
N ASN A 61 -6.86 20.54 3.29
CA ASN A 61 -6.17 20.11 2.06
C ASN A 61 -6.79 18.88 1.43
N GLU A 62 -7.91 18.41 1.98
CA GLU A 62 -8.53 17.19 1.48
C GLU A 62 -9.21 17.37 0.12
N GLN A 63 -9.24 16.28 -0.63
CA GLN A 63 -10.10 16.13 -1.79
C GLN A 63 -10.79 14.78 -1.62
N PHE A 64 -12.12 14.76 -1.70
CA PHE A 64 -12.91 13.54 -1.54
C PHE A 64 -13.56 13.23 -2.88
N ILE A 65 -13.21 12.09 -3.49
CA ILE A 65 -13.67 11.78 -4.84
C ILE A 65 -14.11 10.33 -4.87
N SER A 66 -15.33 10.09 -5.35
N SER A 66 -15.32 10.07 -5.35
CA SER A 66 -15.86 8.75 -5.48
CA SER A 66 -15.79 8.70 -5.38
C SER A 66 -15.10 7.95 -6.54
C SER A 66 -15.24 7.93 -6.57
N ALA A 67 -15.07 6.62 -6.36
CA ALA A 67 -14.60 5.73 -7.42
C ALA A 67 -15.68 5.51 -8.46
N SER A 68 -15.29 5.47 -9.73
CA SER A 68 -16.19 5.10 -10.81
C SER A 68 -16.06 3.65 -11.22
N LYS A 69 -14.91 3.03 -11.02
N LYS A 69 -14.88 3.05 -11.06
CA LYS A 69 -14.75 1.62 -11.31
CA LYS A 69 -14.57 1.73 -11.55
C LYS A 69 -13.57 1.10 -10.53
C LYS A 69 -13.40 1.17 -10.77
N SER A 70 -13.61 -0.19 -10.26
N SER A 70 -13.52 -0.07 -10.34
CA SER A 70 -12.53 -0.90 -9.62
CA SER A 70 -12.43 -0.78 -9.72
C SER A 70 -12.18 -2.08 -10.50
C SER A 70 -12.16 -2.07 -10.48
N ILE A 71 -10.88 -2.39 -10.58
CA ILE A 71 -10.39 -3.50 -11.39
C ILE A 71 -9.41 -4.30 -10.53
N VAL A 72 -9.85 -5.46 -10.06
CA VAL A 72 -8.99 -6.40 -9.38
C VAL A 72 -8.16 -7.15 -10.42
N HIS A 73 -6.91 -7.45 -10.08
CA HIS A 73 -6.04 -8.17 -11.00
C HIS A 73 -6.73 -9.45 -11.49
N PRO A 74 -6.57 -9.80 -12.76
N PRO A 74 -6.63 -9.78 -12.78
CA PRO A 74 -7.25 -10.97 -13.31
CA PRO A 74 -7.30 -10.99 -13.29
C PRO A 74 -6.90 -12.28 -12.64
C PRO A 74 -6.95 -12.26 -12.53
N SER A 75 -5.73 -12.37 -12.04
CA SER A 75 -5.23 -13.59 -11.43
C SER A 75 -5.14 -13.52 -9.92
N TYR A 76 -5.80 -12.56 -9.28
CA TYR A 76 -5.81 -12.51 -7.82
C TYR A 76 -6.37 -13.80 -7.24
N ASN A 77 -5.65 -14.33 -6.25
CA ASN A 77 -6.06 -15.51 -5.49
C ASN A 77 -6.20 -15.11 -4.04
N SER A 78 -7.44 -15.09 -3.54
CA SER A 78 -7.68 -14.63 -2.18
C SER A 78 -7.22 -15.61 -1.11
N ASN A 79 -6.96 -16.86 -1.47
CA ASN A 79 -6.43 -17.82 -0.49
C ASN A 79 -4.94 -17.64 -0.26
N THR A 80 -4.17 -17.40 -1.34
CA THR A 80 -2.71 -17.28 -1.22
C THR A 80 -2.24 -15.84 -1.20
N LEU A 81 -3.09 -14.91 -1.59
CA LEU A 81 -2.80 -13.49 -1.77
C LEU A 81 -1.81 -13.25 -2.91
N ASN A 82 -1.64 -14.21 -3.81
CA ASN A 82 -0.85 -13.94 -4.99
C ASN A 82 -1.62 -12.93 -5.88
N ASN A 83 -0.87 -11.98 -6.44
CA ASN A 83 -1.41 -10.94 -7.29
C ASN A 83 -2.37 -10.02 -6.54
N ASP A 84 -1.94 -9.61 -5.33
CA ASP A 84 -2.76 -8.76 -4.45
C ASP A 84 -2.61 -7.30 -4.86
N ILE A 85 -3.33 -6.93 -5.92
CA ILE A 85 -3.24 -5.59 -6.51
C ILE A 85 -4.57 -5.29 -7.20
N MET A 86 -4.97 -4.01 -7.15
N MET A 86 -5.01 -4.04 -7.08
CA MET A 86 -6.24 -3.52 -7.65
CA MET A 86 -6.19 -3.57 -7.79
C MET A 86 -6.05 -2.08 -8.10
C MET A 86 -6.00 -2.11 -8.16
N LEU A 87 -6.72 -1.70 -9.19
CA LEU A 87 -6.75 -0.32 -9.67
C LEU A 87 -8.13 0.26 -9.43
N ILE A 88 -8.18 1.54 -9.06
CA ILE A 88 -9.41 2.28 -8.81
C ILE A 88 -9.36 3.55 -9.64
N LYS A 89 -10.38 3.76 -10.48
CA LYS A 89 -10.51 4.98 -11.25
C LYS A 89 -11.40 5.95 -10.50
N LEU A 90 -10.98 7.21 -10.43
CA LEU A 90 -11.75 8.27 -9.80
C LEU A 90 -12.79 8.82 -10.78
N LYS A 91 -13.93 9.26 -10.24
CA LYS A 91 -14.98 9.82 -11.10
C LYS A 91 -14.55 11.11 -11.76
N SER A 92 -13.67 11.88 -11.12
CA SER A 92 -13.10 13.08 -11.71
C SER A 92 -11.64 13.15 -11.30
N ALA A 93 -10.87 13.93 -12.05
CA ALA A 93 -9.45 14.03 -11.77
C ALA A 93 -9.20 14.83 -10.51
N ALA A 94 -8.23 14.39 -9.74
CA ALA A 94 -7.75 15.17 -8.61
C ALA A 94 -7.00 16.40 -9.10
N SER A 95 -6.93 17.40 -8.23
N SER A 95 -7.01 17.43 -8.26
CA SER A 95 -6.17 18.62 -8.49
CA SER A 95 -6.17 18.59 -8.45
C SER A 95 -4.81 18.49 -7.82
C SER A 95 -4.81 18.28 -7.83
N LEU A 96 -3.76 18.32 -8.62
CA LEU A 96 -2.44 18.02 -8.11
C LEU A 96 -1.72 19.29 -7.70
N ASN A 97 -1.03 19.23 -6.56
CA ASN A 97 -0.30 20.35 -5.94
C ASN A 97 0.84 19.75 -5.09
N SER A 98 1.52 20.55 -4.27
CA SER A 98 2.63 19.96 -3.50
C SER A 98 2.16 18.97 -2.44
N ARG A 99 0.92 19.10 -1.99
CA ARG A 99 0.37 18.27 -0.93
C ARG A 99 -0.43 17.08 -1.44
N VAL A 100 -0.81 17.06 -2.71
CA VAL A 100 -1.52 15.96 -3.35
C VAL A 100 -0.81 15.73 -4.67
N ALA A 101 -0.11 14.62 -4.77
CA ALA A 101 0.78 14.39 -5.90
C ALA A 101 0.83 12.91 -6.18
N SER A 102 1.11 12.56 -7.43
CA SER A 102 1.26 11.18 -7.82
C SER A 102 2.66 10.67 -7.50
N ILE A 103 2.75 9.35 -7.38
CA ILE A 103 4.01 8.64 -7.24
C ILE A 103 4.30 7.88 -8.54
N SER A 104 5.54 7.93 -9.00
N SER A 104 5.56 7.86 -8.93
CA SER A 104 5.94 7.24 -10.21
CA SER A 104 5.98 7.24 -10.18
C SER A 104 5.97 5.72 -10.04
C SER A 104 6.05 5.72 -10.06
N LEU A 105 5.64 5.02 -11.12
CA LEU A 105 5.81 3.59 -11.21
C LEU A 105 7.27 3.29 -11.50
N PRO A 106 7.75 2.13 -11.08
CA PRO A 106 9.16 1.82 -11.23
C PRO A 106 9.48 1.41 -12.66
N THR A 107 10.72 1.64 -13.06
N THR A 107 10.73 1.70 -13.02
CA THR A 107 11.17 1.04 -14.30
CA THR A 107 11.34 1.21 -14.25
C THR A 107 12.10 -0.13 -14.07
C THR A 107 11.98 -0.15 -14.02
N SER A 108 12.50 -0.37 -12.82
CA SER A 108 13.22 -1.59 -12.49
C SER A 108 12.77 -2.03 -11.11
N CYS A 109 12.97 -3.31 -10.83
CA CYS A 109 12.67 -3.85 -9.52
C CYS A 109 13.76 -3.50 -8.54
N ALA A 110 13.40 -3.18 -7.31
CA ALA A 110 14.37 -2.81 -6.29
C ALA A 110 15.03 -4.07 -5.73
N SER A 111 16.28 -3.91 -5.33
CA SER A 111 17.08 -5.00 -4.79
C SER A 111 16.97 -5.08 -3.26
N ALA A 112 17.19 -6.28 -2.73
CA ALA A 112 17.31 -6.43 -1.29
C ALA A 112 18.37 -5.47 -0.76
N GLY A 113 18.10 -4.89 0.42
CA GLY A 113 18.95 -3.92 1.07
C GLY A 113 18.56 -2.49 0.80
N THR A 114 17.71 -2.24 -0.19
CA THR A 114 17.22 -0.90 -0.45
C THR A 114 16.30 -0.46 0.67
N GLN A 115 16.46 0.80 1.10
CA GLN A 115 15.60 1.36 2.14
C GLN A 115 14.36 1.98 1.51
N CYS A 116 13.23 1.74 2.15
CA CYS A 116 11.95 2.21 1.64
C CYS A 116 11.15 2.87 2.75
N LEU A 117 10.13 3.60 2.35
CA LEU A 117 9.20 4.28 3.24
C LEU A 117 7.82 3.64 3.11
N ILE A 118 7.28 3.19 4.24
CA ILE A 118 5.96 2.58 4.33
C ILE A 118 5.10 3.49 5.20
N SER A 119 3.83 3.69 4.84
CA SER A 119 3.00 4.64 5.55
C SER A 119 1.56 4.14 5.66
N GLY A 120 0.86 4.60 6.68
CA GLY A 120 -0.55 4.27 6.82
C GLY A 120 -1.13 4.69 8.16
N TRP A 121 -2.45 4.48 8.24
CA TRP A 121 -3.28 4.78 9.40
C TRP A 121 -3.68 3.52 10.17
N GLY A 122 -2.94 2.44 10.02
CA GLY A 122 -3.27 1.20 10.68
C GLY A 122 -2.84 1.14 12.14
N ASN A 123 -3.17 0.00 12.73
CA ASN A 123 -2.91 -0.25 14.15
C ASN A 123 -1.43 -0.03 14.45
N THR A 124 -1.19 0.56 15.62
CA THR A 124 0.15 0.86 16.08
C THR A 124 0.65 -0.10 17.16
N LYS A 125 -0.13 -1.12 17.52
CA LYS A 125 0.27 -2.09 18.54
C LYS A 125 0.40 -3.51 17.97
N SER A 126 1.40 -4.26 18.45
CA SER A 126 1.52 -5.68 18.10
C SER A 126 0.65 -6.58 18.96
N SER A 127 0.32 -6.12 20.16
CA SER A 127 -0.64 -6.77 21.04
C SER A 127 -1.67 -5.73 21.40
N GLY A 128 -2.92 -6.03 21.16
CA GLY A 128 -3.94 -5.06 21.41
C GLY A 128 -4.13 -4.15 20.21
N THR A 129 -4.86 -3.06 20.46
N THR A 129 -4.90 -3.09 20.43
CA THR A 129 -5.37 -2.22 19.39
CA THR A 129 -5.33 -2.24 19.34
C THR A 129 -5.33 -0.75 19.74
C THR A 129 -5.30 -0.77 19.75
N SER A 130 -4.71 0.04 18.89
CA SER A 130 -4.75 1.50 19.01
C SER A 130 -4.59 2.07 17.61
N TYR A 131 -5.60 2.71 17.11
CA TYR A 131 -5.59 3.27 15.77
C TYR A 131 -5.32 4.75 15.84
N PRO A 132 -4.36 5.33 15.07
N PRO A 132 -4.31 5.21 15.12
N PRO A 132 -4.34 5.20 15.08
CA PRO A 132 -3.76 6.66 15.41
CA PRO A 132 -4.00 6.64 15.11
CA PRO A 132 -4.01 6.62 15.04
C PRO A 132 -4.40 7.96 14.88
C PRO A 132 -4.88 7.37 14.13
C PRO A 132 -5.03 7.39 14.23
N ASP A 133 -5.23 7.87 13.86
N ASP A 133 -5.12 8.63 14.45
N ASP A 133 -5.02 8.68 14.47
CA ASP A 133 -5.81 9.08 13.25
CA ASP A 133 -5.84 9.48 13.53
CA ASP A 133 -5.79 9.61 13.68
C ASP A 133 -4.90 9.92 12.35
C ASP A 133 -4.96 10.15 12.50
C ASP A 133 -4.97 10.31 12.61
N VAL A 134 -3.64 10.24 12.73
CA VAL A 134 -2.72 10.90 11.83
C VAL A 134 -1.82 9.85 11.17
N LEU A 135 -1.24 10.22 10.03
CA LEU A 135 -0.48 9.29 9.22
C LEU A 135 0.84 8.93 9.89
N LYS A 136 1.17 7.65 9.94
CA LYS A 136 2.41 7.13 10.48
C LYS A 136 3.29 6.60 9.36
N CYS A 137 4.59 6.66 9.62
CA CYS A 137 5.64 6.35 8.66
C CYS A 137 6.65 5.37 9.27
N LEU A 138 7.27 4.59 8.42
CA LEU A 138 8.29 3.63 8.83
C LEU A 138 9.30 3.50 7.71
N LYS A 139 10.58 3.63 8.05
CA LYS A 139 11.66 3.31 7.13
C LYS A 139 12.08 1.87 7.36
N ALA A 140 12.17 1.09 6.30
CA ALA A 140 12.50 -0.33 6.42
C ALA A 140 13.18 -0.81 5.16
N PRO A 141 14.08 -1.77 5.27
CA PRO A 141 14.75 -2.33 4.10
C PRO A 141 13.98 -3.49 3.50
N ILE A 142 14.18 -3.67 2.20
CA ILE A 142 13.77 -4.90 1.53
C ILE A 142 14.71 -6.02 1.96
N LEU A 143 14.14 -7.16 2.30
CA LEU A 143 14.90 -8.33 2.73
C LEU A 143 15.19 -9.23 1.53
N SER A 144 16.26 -10.01 1.67
CA SER A 144 16.57 -10.97 0.61
C SER A 144 15.43 -11.98 0.42
N ASP A 145 15.29 -12.46 -0.81
N ASP A 145 15.29 -12.46 -0.82
CA ASP A 145 14.28 -13.49 -1.07
CA ASP A 145 14.31 -13.49 -1.12
C ASP A 145 14.53 -14.73 -0.24
C ASP A 145 14.54 -14.73 -0.27
N SER A 146 15.81 -15.09 -0.02
CA SER A 146 16.13 -16.25 0.80
CA SER A 146 16.09 -16.27 0.79
CA SER A 146 16.08 -16.27 0.79
C SER A 146 15.60 -16.09 2.23
N SER A 147 15.79 -14.91 2.83
N SER A 147 15.83 -14.90 2.83
CA SER A 147 15.31 -14.74 4.20
CA SER A 147 15.31 -14.66 4.17
C SER A 147 13.79 -14.63 4.25
C SER A 147 13.79 -14.72 4.19
N CYS A 148 13.17 -14.12 3.19
CA CYS A 148 11.71 -14.07 3.12
C CYS A 148 11.12 -15.47 3.02
N LYS A 149 11.68 -16.31 2.14
CA LYS A 149 11.20 -17.68 1.99
C LYS A 149 11.47 -18.52 3.22
N SER A 150 12.55 -18.25 3.94
N SER A 150 12.57 -18.25 3.93
CA SER A 150 12.82 -18.98 5.17
CA SER A 150 12.85 -18.95 5.18
C SER A 150 11.85 -18.60 6.28
C SER A 150 11.82 -18.61 6.25
N ALA A 151 11.37 -17.35 6.28
CA ALA A 151 10.40 -16.91 7.27
C ALA A 151 9.01 -17.48 7.00
N TYR A 152 8.65 -17.67 5.75
CA TYR A 152 7.31 -18.09 5.33
C TYR A 152 7.44 -19.25 4.34
N PRO A 153 7.86 -20.43 4.82
N PRO A 153 7.88 -20.42 4.77
CA PRO A 153 8.00 -21.59 3.94
CA PRO A 153 8.17 -21.48 3.81
C PRO A 153 6.73 -21.85 3.15
C PRO A 153 6.93 -21.86 3.00
N GLY A 154 6.90 -22.09 1.85
N GLY A 154 7.10 -21.97 1.69
CA GLY A 154 5.78 -22.50 1.05
CA GLY A 154 6.05 -22.40 0.80
C GLY A 154 4.77 -21.42 0.75
C GLY A 154 5.04 -21.33 0.39
N GLN A 155 5.10 -20.14 0.98
CA GLN A 155 4.09 -19.10 0.83
C GLN A 155 4.48 -17.91 -0.03
N ILE A 156 5.75 -17.75 -0.38
CA ILE A 156 6.22 -16.55 -1.06
C ILE A 156 6.32 -16.87 -2.55
N THR A 157 5.60 -16.12 -3.37
CA THR A 157 5.67 -16.25 -4.81
C THR A 157 6.61 -15.19 -5.38
N SER A 158 6.84 -15.28 -6.70
CA SER A 158 7.67 -14.28 -7.38
C SER A 158 7.04 -12.89 -7.39
N ASN A 159 5.77 -12.79 -7.01
CA ASN A 159 5.07 -11.51 -6.98
C ASN A 159 5.03 -10.87 -5.60
N MET A 160 5.89 -11.31 -4.68
CA MET A 160 5.91 -10.85 -3.31
C MET A 160 7.35 -10.56 -2.91
N PHE A 161 7.54 -9.63 -1.99
CA PHE A 161 8.80 -9.45 -1.29
C PHE A 161 8.52 -9.16 0.17
N CYS A 162 9.53 -9.43 0.99
CA CYS A 162 9.47 -9.09 2.40
C CYS A 162 10.24 -7.79 2.65
N ALA A 163 9.77 -7.01 3.61
CA ALA A 163 10.48 -5.83 4.05
C ALA A 163 10.25 -5.68 5.54
N GLY A 164 11.22 -5.11 6.25
CA GLY A 164 11.10 -4.95 7.67
C GLY A 164 12.32 -5.46 8.39
N TYR A 165 12.08 -6.04 9.54
CA TYR A 165 13.13 -6.34 10.51
C TYR A 165 12.85 -7.71 11.10
N LEU A 166 13.79 -8.64 10.93
CA LEU A 166 13.60 -9.98 11.47
C LEU A 166 13.55 -9.99 12.99
N GLU A 167 14.12 -8.98 13.65
CA GLU A 167 14.07 -8.94 15.10
C GLU A 167 12.69 -8.54 15.63
N GLY A 168 11.79 -8.10 14.75
CA GLY A 168 10.48 -7.64 15.15
C GLY A 168 10.50 -6.19 15.62
N GLY A 169 9.33 -5.73 16.06
CA GLY A 169 9.17 -4.43 16.67
C GLY A 169 8.75 -3.32 15.74
N LYS A 170 8.95 -3.47 14.43
CA LYS A 170 8.65 -2.44 13.44
C LYS A 170 8.01 -3.13 12.24
N ASP A 171 6.81 -2.73 11.85
CA ASP A 171 6.11 -3.40 10.76
C ASP A 171 4.88 -2.58 10.38
N SER A 172 4.30 -2.90 9.23
N SER A 172 4.30 -2.93 9.23
CA SER A 172 2.93 -2.48 8.94
CA SER A 172 2.93 -2.55 8.92
C SER A 172 1.95 -3.41 9.67
C SER A 172 1.96 -3.33 9.81
N CYS A 173 0.68 -3.01 9.71
CA CYS A 173 -0.30 -3.72 10.52
C CYS A 173 -1.71 -3.52 9.93
N GLN A 174 -2.71 -4.08 10.62
CA GLN A 174 -4.09 -3.99 10.13
C GLN A 174 -4.49 -2.55 9.91
N GLY A 175 -5.12 -2.29 8.77
CA GLY A 175 -5.49 -0.96 8.37
C GLY A 175 -4.49 -0.24 7.51
N ASP A 176 -3.27 -0.77 7.41
CA ASP A 176 -2.25 -0.27 6.49
C ASP A 176 -2.37 -0.89 5.11
N SER A 177 -3.10 -2.01 5.00
CA SER A 177 -3.22 -2.75 3.75
C SER A 177 -3.57 -1.83 2.60
N GLY A 178 -2.96 -2.12 1.45
CA GLY A 178 -3.17 -1.37 0.24
C GLY A 178 -2.25 -0.17 0.09
N GLY A 179 -1.58 0.23 1.17
CA GLY A 179 -0.76 1.43 1.11
C GLY A 179 0.60 1.20 0.48
N PRO A 180 1.34 2.30 0.35
CA PRO A 180 2.57 2.33 -0.43
C PRO A 180 3.80 1.87 0.31
N VAL A 181 4.71 1.28 -0.47
CA VAL A 181 6.12 1.08 -0.13
C VAL A 181 6.91 1.79 -1.22
N VAL A 182 7.56 2.89 -0.86
CA VAL A 182 8.25 3.76 -1.84
C VAL A 182 9.74 3.69 -1.57
N CYS A 183 10.50 3.45 -2.63
CA CYS A 183 11.94 3.30 -2.52
C CYS A 183 12.55 4.12 -3.64
N SER A 184 13.47 5.02 -3.30
CA SER A 184 14.11 5.86 -4.30
C SER A 184 13.11 6.60 -5.18
N GLY A 185 12.02 7.05 -4.57
CA GLY A 185 11.04 7.86 -5.25
C GLY A 185 10.12 7.12 -6.20
N LYS A 186 10.06 5.79 -6.12
CA LYS A 186 9.19 4.98 -6.96
C LYS A 186 8.36 4.04 -6.10
N LEU A 187 7.16 3.73 -6.57
CA LEU A 187 6.29 2.78 -5.87
C LEU A 187 6.76 1.35 -6.15
N GLN A 188 7.35 0.70 -5.16
N GLN A 188 7.34 0.69 -5.17
CA GLN A 188 7.84 -0.66 -5.32
CA GLN A 188 7.80 -0.68 -5.36
C GLN A 188 6.93 -1.71 -4.69
C GLN A 188 6.96 -1.73 -4.66
N GLY A 189 6.13 -1.36 -3.70
CA GLY A 189 5.32 -2.34 -3.02
C GLY A 189 3.96 -1.83 -2.60
N ILE A 190 3.10 -2.79 -2.29
CA ILE A 190 1.78 -2.55 -1.72
C ILE A 190 1.68 -3.40 -0.46
N VAL A 191 1.24 -2.79 0.64
CA VAL A 191 1.07 -3.53 1.90
C VAL A 191 0.04 -4.64 1.68
N SER A 192 0.46 -5.90 1.92
CA SER A 192 -0.35 -7.06 1.55
C SER A 192 -0.66 -7.95 2.76
N TRP A 193 0.32 -8.63 3.35
CA TRP A 193 0.00 -9.60 4.40
C TRP A 193 1.19 -9.80 5.32
N GLY A 194 0.97 -10.58 6.36
N GLY A 194 0.96 -10.57 6.37
CA GLY A 194 1.99 -10.99 7.31
CA GLY A 194 2.00 -10.96 7.30
C GLY A 194 1.30 -11.72 8.46
C GLY A 194 1.41 -11.98 8.26
N SER A 195 2.10 -12.36 9.28
N SER A 195 2.09 -12.22 9.38
CA SER A 195 1.55 -13.08 10.43
CA SER A 195 1.57 -13.08 10.44
C SER A 195 1.60 -12.19 11.67
C SER A 195 1.60 -12.25 11.72
N GLY A 196 0.44 -11.76 12.15
CA GLY A 196 0.40 -10.76 13.21
C GLY A 196 1.04 -9.48 12.70
N CYS A 197 1.60 -8.69 13.62
CA CYS A 197 2.34 -7.48 13.26
C CYS A 197 3.57 -7.41 14.13
N ALA A 198 4.72 -7.11 13.51
CA ALA A 198 5.94 -6.80 14.24
C ALA A 198 6.46 -7.96 15.08
N GLN A 199 6.12 -9.19 14.70
CA GLN A 199 6.61 -10.35 15.43
C GLN A 199 8.00 -10.74 14.94
N LYS A 200 8.78 -11.32 15.84
CA LYS A 200 10.10 -11.83 15.47
C LYS A 200 9.99 -12.87 14.37
N ASN A 201 10.88 -12.77 13.38
CA ASN A 201 10.99 -13.71 12.27
C ASN A 201 9.77 -13.75 11.38
N LYS A 202 8.92 -12.72 11.41
CA LYS A 202 7.70 -12.66 10.61
C LYS A 202 7.57 -11.26 10.02
N PRO A 203 8.41 -10.93 9.04
CA PRO A 203 8.36 -9.58 8.45
C PRO A 203 7.10 -9.41 7.61
N GLY A 204 6.84 -8.18 7.25
CA GLY A 204 5.73 -7.92 6.34
C GLY A 204 6.02 -8.41 4.93
N VAL A 205 4.93 -8.77 4.24
CA VAL A 205 4.96 -9.24 2.86
C VAL A 205 4.19 -8.25 2.01
N TYR A 206 4.77 -7.90 0.88
CA TYR A 206 4.33 -6.81 0.03
C TYR A 206 4.20 -7.28 -1.42
N THR A 207 3.20 -6.77 -2.12
CA THR A 207 3.05 -7.05 -3.55
C THR A 207 4.17 -6.35 -4.32
N LYS A 208 4.80 -7.08 -5.24
N LYS A 208 4.83 -7.09 -5.20
CA LYS A 208 5.97 -6.61 -5.98
CA LYS A 208 5.98 -6.60 -5.96
C LYS A 208 5.51 -5.85 -7.22
C LYS A 208 5.49 -5.85 -7.21
N VAL A 209 5.36 -4.54 -7.08
CA VAL A 209 4.74 -3.70 -8.12
C VAL A 209 5.47 -3.75 -9.44
N CYS A 210 6.80 -3.93 -9.44
CA CYS A 210 7.52 -3.90 -10.72
C CYS A 210 7.07 -4.99 -11.65
N ASN A 211 6.44 -6.07 -11.16
CA ASN A 211 5.93 -7.13 -12.02
C ASN A 211 4.63 -6.76 -12.73
N TYR A 212 4.01 -5.67 -12.34
CA TYR A 212 2.67 -5.31 -12.78
C TYR A 212 2.62 -4.05 -13.64
N VAL A 213 3.77 -3.43 -13.94
CA VAL A 213 3.74 -2.14 -14.63
C VAL A 213 3.07 -2.23 -15.99
N SER A 214 3.35 -3.30 -16.74
N SER A 214 3.34 -3.30 -16.75
N SER A 214 3.32 -3.31 -16.74
CA SER A 214 2.72 -3.48 -18.04
CA SER A 214 2.70 -3.42 -18.05
CA SER A 214 2.70 -3.41 -18.06
C SER A 214 1.20 -3.54 -17.91
C SER A 214 1.18 -3.54 -17.93
C SER A 214 1.19 -3.57 -17.96
N TRP A 215 0.70 -4.36 -17.00
CA TRP A 215 -0.74 -4.47 -16.78
C TRP A 215 -1.34 -3.14 -16.35
N ILE A 216 -0.69 -2.42 -15.45
CA ILE A 216 -1.19 -1.13 -15.01
C ILE A 216 -1.32 -0.19 -16.20
N LYS A 217 -0.25 -0.06 -16.97
CA LYS A 217 -0.24 0.90 -18.07
C LYS A 217 -1.29 0.55 -19.12
N GLN A 218 -1.39 -0.73 -19.47
N GLN A 218 -1.43 -0.73 -19.46
CA GLN A 218 -2.37 -1.15 -20.46
CA GLN A 218 -2.39 -1.08 -20.51
C GLN A 218 -3.78 -0.89 -19.97
C GLN A 218 -3.82 -1.01 -20.01
N THR A 219 -4.05 -1.20 -18.71
CA THR A 219 -5.38 -1.04 -18.15
C THR A 219 -5.79 0.42 -18.14
N ILE A 220 -4.90 1.30 -17.67
CA ILE A 220 -5.22 2.72 -17.65
C ILE A 220 -5.48 3.25 -19.05
N ALA A 221 -4.72 2.78 -20.04
CA ALA A 221 -4.85 3.29 -21.40
C ALA A 221 -6.19 2.98 -22.04
N SER A 222 -6.90 1.98 -21.50
N SER A 222 -6.92 1.98 -21.55
CA SER A 222 -8.08 1.39 -22.11
CA SER A 222 -8.16 1.54 -22.19
C SER A 222 -9.33 1.56 -21.26
C SER A 222 -9.39 1.69 -21.32
N ASN A 223 -9.26 2.28 -20.14
CA ASN A 223 -10.37 2.41 -19.22
C ASN A 223 -10.54 3.81 -18.71
CA CA B . -8.65 15.29 7.42
S SO4 C . -6.32 -5.66 6.77
S SO4 C . -6.21 -5.62 6.73
O1 SO4 C . -6.04 -6.42 5.57
O1 SO4 C . -5.51 -6.90 6.55
O2 SO4 C . -6.21 -6.51 7.96
O2 SO4 C . -7.10 -5.72 7.87
O3 SO4 C . -5.41 -4.54 6.91
O3 SO4 C . -5.28 -4.52 6.92
O4 SO4 C . -7.66 -5.10 6.74
O4 SO4 C . -7.00 -5.39 5.53
S SO4 D . -15.10 6.34 -18.44
O1 SO4 D . -15.37 4.95 -18.80
O2 SO4 D . -14.58 6.41 -17.09
O3 SO4 D . -14.09 6.88 -19.35
O4 SO4 D . -16.31 7.15 -18.51
S SO4 E . 13.76 3.14 -10.83
O1 SO4 E . 14.91 2.42 -11.37
O2 SO4 E . 14.03 3.51 -9.43
O3 SO4 E . 13.52 4.29 -11.69
O4 SO4 E . 12.64 2.22 -10.93
C1 MRZ F . -2.11 -6.53 7.54
C1 MRZ F . -2.05 -6.95 7.12
C6 MRZ F . -1.58 -7.23 8.76
C6 MRZ F . -1.52 -8.16 7.87
C5 MRZ F . -0.36 -8.03 8.44
C5 MRZ F . -0.34 -7.78 8.73
N4 MRZ F . 0.68 -7.13 7.89
N4 MRZ F . 0.67 -7.08 7.93
C3 MRZ F . 0.22 -6.49 6.65
C3 MRZ F . 0.22 -5.93 7.13
C2 MRZ F . -1.02 -5.68 6.90
C2 MRZ F . -0.96 -6.31 6.28
C7 MRZ F . 1.94 -7.09 8.33
N8 MRZ F . 2.86 -6.42 7.67
N9 MRZ F . 2.32 -7.75 9.40
H11 MRZ F . 3.84 -6.37 7.96
H12 MRZ F . 2.66 -5.88 6.82
#